data_3KE3
#
_entry.id   3KE3
#
_cell.length_a   61.645
_cell.length_b   98.352
_cell.length_c   121.072
_cell.angle_alpha   90.000
_cell.angle_beta   90.000
_cell.angle_gamma   90.000
#
_symmetry.space_group_name_H-M   'C 2 2 21'
#
loop_
_entity.id
_entity.type
_entity.pdbx_description
1 polymer 'Putative serine-pyruvate aminotransferase'
2 non-polymer 'ACETATE ION'
3 non-polymer 1,2-ETHANEDIOL
4 non-polymer 'SULFATE ION'
5 water water
#
_entity_poly.entity_id   1
_entity_poly.type   'polypeptide(L)'
_entity_poly.pdbx_seq_one_letter_code
;G(MSE)TALRQDIDPNGLLEYSVVYTDRALNH(MSE)SKAFQEV(MSE)NDLLSNLKTVYNAEAAVIIPGSGTYG(MSE)
EAVARQLTIDEDCLIIRNGWFSYRWTQILEKGKFAKSSTVLTAERTEDTEAPKPFAPVDIETAVAKIKEDKSAIVYAPHV
ETSSGIILSEEYIKALSEAVHSVGGLLVIDCIASGCVWLD(MSE)KELGIDVLISAPQ(LLP)GWSSTPCAGLV(MSE)L
SAAAIKKVESTESNCFSLDLKQWLTI(MSE)RAYENGGHAYHAT(MSE)PTDSLRQFRDAILEAKEIGFDILRDAQWELG
NRVRKVLTDKGIESVAAEGFEAPGVVVSYTERDD(MSE)HKGSAFAEAGLQIAAGVPLKVGEPDNFKTFRLGLFGLDKLT
DIDGTVERFEKALDEVLAK
;
_entity_poly.pdbx_strand_id   A
#
# COMPACT_ATOMS: atom_id res chain seq x y z
N ASP A 8 -24.81 9.21 21.62
CA ASP A 8 -23.37 8.94 21.36
C ASP A 8 -23.08 8.73 19.87
N ILE A 9 -23.88 7.91 19.20
CA ILE A 9 -23.64 7.49 17.79
C ILE A 9 -24.19 8.38 16.68
N ASP A 10 -25.47 8.73 16.75
CA ASP A 10 -26.11 9.54 15.71
C ASP A 10 -27.14 10.41 16.42
N PRO A 11 -26.68 11.25 17.36
CA PRO A 11 -27.57 11.94 18.31
C PRO A 11 -28.68 12.83 17.71
N ASN A 12 -28.44 13.37 16.51
CA ASN A 12 -29.42 14.20 15.82
C ASN A 12 -30.27 13.42 14.80
N GLY A 13 -30.05 12.10 14.74
CA GLY A 13 -30.69 11.27 13.75
C GLY A 13 -32.03 10.68 14.14
N LEU A 14 -32.44 9.74 13.30
CA LEU A 14 -33.75 9.09 13.43
C LEU A 14 -33.67 7.88 14.35
N LEU A 15 -34.81 7.51 14.94
CA LEU A 15 -34.90 6.24 15.68
C LEU A 15 -34.65 5.06 14.71
N GLU A 16 -33.81 4.13 15.13
CA GLU A 16 -33.39 3.05 14.24
C GLU A 16 -34.38 1.91 14.17
N TYR A 17 -35.09 1.82 13.05
CA TYR A 17 -35.99 0.69 12.76
C TYR A 17 -35.71 0.18 11.36
N SER A 18 -34.46 0.24 10.91
CA SER A 18 -34.12 -0.35 9.62
C SER A 18 -33.65 -1.78 9.86
N VAL A 19 -33.60 -2.52 8.76
CA VAL A 19 -33.23 -3.91 8.77
C VAL A 19 -31.72 -4.14 8.70
N VAL A 20 -30.94 -3.05 8.69
CA VAL A 20 -29.50 -3.12 8.49
C VAL A 20 -28.64 -2.75 9.69
N TYR A 21 -29.21 -2.15 10.73
CA TYR A 21 -28.44 -1.68 11.87
C TYR A 21 -29.29 -1.68 13.17
N THR A 22 -28.56 -1.62 14.29
CA THR A 22 -29.14 -1.38 15.60
C THR A 22 -28.71 0.03 15.99
N ASP A 23 -29.13 0.50 17.16
CA ASP A 23 -28.77 1.84 17.62
C ASP A 23 -27.32 1.97 18.04
N ARG A 24 -26.58 0.86 18.04
CA ARG A 24 -25.16 0.87 18.36
C ARG A 24 -24.22 1.21 17.22
N ALA A 25 -24.73 1.25 15.98
CA ALA A 25 -23.89 1.51 14.77
C ALA A 25 -24.48 2.63 13.91
N LEU A 26 -23.59 3.35 13.23
CA LEU A 26 -23.99 4.46 12.37
C LEU A 26 -24.62 3.91 11.10
N ASN A 27 -25.85 4.32 10.84
CA ASN A 27 -26.60 3.86 9.67
C ASN A 27 -26.07 4.55 8.41
N HIS A 28 -25.85 3.78 7.34
CA HIS A 28 -25.29 4.30 6.07
C HIS A 28 -26.25 5.24 5.35
N SER A 30 -28.01 7.54 7.12
CA SER A 30 -28.13 8.76 7.95
C SER A 30 -27.44 9.93 7.29
N LYS A 31 -27.90 11.14 7.61
CA LYS A 31 -27.22 12.35 7.18
C LYS A 31 -25.76 12.34 7.65
N ALA A 32 -25.51 11.93 8.91
CA ALA A 32 -24.16 11.87 9.43
C ALA A 32 -23.22 11.01 8.56
N PHE A 33 -23.65 9.82 8.14
CA PHE A 33 -22.77 9.00 7.26
C PHE A 33 -22.62 9.53 5.84
N GLN A 34 -23.66 10.18 5.32
CA GLN A 34 -23.59 10.86 4.04
C GLN A 34 -22.44 11.89 4.06
N GLU A 35 -22.37 12.67 5.13
CA GLU A 35 -21.30 13.65 5.31
C GLU A 35 -19.92 12.99 5.46
N VAL A 36 -19.85 11.89 6.20
CA VAL A 36 -18.60 11.12 6.27
C VAL A 36 -18.15 10.67 4.89
N ASN A 38 -18.93 11.90 1.94
CA ASN A 38 -18.54 13.02 1.12
C ASN A 38 -17.18 13.61 1.49
N ASP A 39 -16.89 13.71 2.79
CA ASP A 39 -15.54 14.10 3.27
C ASP A 39 -14.45 13.10 2.87
N LEU A 40 -14.74 11.81 2.91
CA LEU A 40 -13.76 10.79 2.54
C LEU A 40 -13.42 10.83 1.08
N LEU A 41 -14.45 10.87 0.25
CA LEU A 41 -14.27 10.86 -1.17
C LEU A 41 -13.60 12.13 -1.63
N SER A 42 -14.00 13.31 -1.15
CA SER A 42 -13.34 14.51 -1.65
C SER A 42 -11.87 14.60 -1.21
N ASN A 43 -11.58 14.23 0.05
CA ASN A 43 -10.21 14.36 0.59
C ASN A 43 -9.26 13.39 -0.05
N LEU A 44 -9.73 12.16 -0.28
CA LEU A 44 -8.96 11.14 -0.96
C LEU A 44 -8.66 11.51 -2.41
N LYS A 45 -9.62 12.09 -3.11
CA LYS A 45 -9.38 12.52 -4.49
C LYS A 45 -8.36 13.62 -4.50
N THR A 46 -8.50 14.59 -3.58
CA THR A 46 -7.58 15.70 -3.52
C THR A 46 -6.17 15.22 -3.22
N VAL A 47 -5.99 14.40 -2.19
CA VAL A 47 -4.65 13.96 -1.76
C VAL A 47 -3.90 13.20 -2.87
N TYR A 48 -4.59 12.32 -3.55
CA TYR A 48 -4.00 11.51 -4.61
C TYR A 48 -4.17 12.06 -6.03
N ASN A 49 -4.89 13.17 -6.15
CA ASN A 49 -5.25 13.74 -7.44
C ASN A 49 -6.02 12.71 -8.33
N ALA A 50 -7.01 12.03 -7.72
CA ALA A 50 -7.81 10.98 -8.41
C ALA A 50 -9.13 11.53 -8.89
N GLU A 51 -9.69 10.87 -9.89
CA GLU A 51 -10.99 11.26 -10.43
C GLU A 51 -12.12 10.62 -9.61
N ALA A 52 -11.86 9.41 -9.09
CA ALA A 52 -12.81 8.71 -8.22
C ALA A 52 -12.06 8.01 -7.10
N ALA A 53 -12.78 7.77 -6.01
CA ALA A 53 -12.26 7.06 -4.85
C ALA A 53 -13.34 6.03 -4.56
N VAL A 54 -12.96 4.76 -4.47
CA VAL A 54 -13.85 3.68 -4.13
C VAL A 54 -13.35 3.01 -2.85
N ILE A 55 -14.28 2.81 -1.93
CA ILE A 55 -14.12 2.15 -0.62
C ILE A 55 -14.78 0.77 -0.67
N ILE A 56 -13.99 -0.27 -0.51
CA ILE A 56 -14.41 -1.66 -0.62
C ILE A 56 -14.27 -2.26 0.77
N PRO A 57 -15.38 -2.64 1.41
CA PRO A 57 -15.25 -3.26 2.73
C PRO A 57 -14.30 -4.44 2.72
N GLY A 58 -13.51 -4.58 3.78
CA GLY A 58 -12.54 -5.65 3.90
C GLY A 58 -11.17 -5.15 4.32
N SER A 59 -10.23 -5.13 3.39
CA SER A 59 -8.91 -4.70 3.68
C SER A 59 -8.26 -4.31 2.35
N GLY A 60 -7.00 -3.89 2.44
CA GLY A 60 -6.22 -3.53 1.28
C GLY A 60 -6.17 -4.66 0.26
N THR A 61 -5.99 -5.88 0.74
CA THR A 61 -5.95 -7.06 -0.14
C THR A 61 -7.23 -7.18 -0.99
N TYR A 62 -8.38 -6.91 -0.38
CA TYR A 62 -9.66 -7.01 -1.08
C TYR A 62 -9.76 -5.96 -2.19
N GLY A 63 -9.21 -4.77 -1.95
CA GLY A 63 -9.08 -3.75 -2.98
C GLY A 63 -8.22 -4.24 -4.13
N GLU A 65 -7.81 -7.34 -4.93
CA GLU A 65 -8.56 -8.34 -5.62
C GLU A 65 -9.70 -7.79 -6.50
N ALA A 66 -10.39 -6.77 -5.99
CA ALA A 66 -11.45 -6.11 -6.76
C ALA A 66 -10.92 -5.52 -8.11
N VAL A 67 -9.82 -4.79 -8.01
CA VAL A 67 -9.09 -4.26 -9.17
C VAL A 67 -8.70 -5.35 -10.17
N ALA A 68 -8.07 -6.44 -9.70
CA ALA A 68 -7.67 -7.58 -10.57
C ALA A 68 -8.85 -8.23 -11.27
N ARG A 69 -9.90 -8.47 -10.49
CA ARG A 69 -11.09 -9.13 -11.01
C ARG A 69 -11.92 -8.27 -11.97
N GLN A 70 -11.82 -6.96 -11.85
CA GLN A 70 -12.54 -6.07 -12.77
C GLN A 70 -11.78 -5.85 -14.09
N LEU A 71 -10.46 -5.73 -14.01
CA LEU A 71 -9.63 -5.22 -15.09
C LEU A 71 -8.68 -6.22 -15.77
N THR A 72 -8.62 -7.49 -15.32
CA THR A 72 -7.68 -8.49 -15.86
C THR A 72 -8.33 -9.77 -16.41
N ILE A 73 -9.65 -9.80 -16.59
CA ILE A 73 -10.34 -10.97 -17.09
C ILE A 73 -9.87 -11.17 -18.54
N ASP A 74 -9.16 -12.26 -18.80
CA ASP A 74 -8.60 -12.59 -20.14
C ASP A 74 -7.62 -11.56 -20.68
N GLU A 75 -6.90 -10.90 -19.78
CA GLU A 75 -5.91 -9.95 -20.14
C GLU A 75 -4.55 -10.47 -19.77
N ASP A 76 -3.55 -9.99 -20.49
CA ASP A 76 -2.17 -10.23 -20.17
C ASP A 76 -1.72 -9.11 -19.22
N CYS A 77 -1.07 -9.44 -18.12
CA CYS A 77 -0.57 -8.38 -17.23
C CYS A 77 0.88 -8.59 -16.88
N LEU A 78 1.50 -7.52 -16.40
CA LEU A 78 2.88 -7.57 -15.95
C LEU A 78 2.93 -7.12 -14.52
N ILE A 79 3.72 -7.82 -13.70
CA ILE A 79 3.85 -7.54 -12.30
C ILE A 79 5.31 -7.31 -11.94
N ILE A 80 5.56 -6.21 -11.24
CA ILE A 80 6.89 -5.89 -10.71
C ILE A 80 6.87 -6.49 -9.33
N ARG A 81 7.55 -7.61 -9.13
CA ARG A 81 7.55 -8.31 -7.86
C ARG A 81 8.80 -7.97 -7.10
N ASN A 82 8.62 -7.25 -6.00
CA ASN A 82 9.73 -6.82 -5.12
C ASN A 82 9.74 -7.53 -3.77
N GLY A 83 8.77 -8.40 -3.53
CA GLY A 83 8.65 -9.11 -2.27
C GLY A 83 7.27 -9.74 -2.14
N TRP A 84 6.94 -10.13 -0.91
CA TRP A 84 5.75 -10.97 -0.64
C TRP A 84 4.42 -10.36 -1.02
N PHE A 85 4.30 -9.05 -0.82
CA PHE A 85 3.07 -8.34 -1.09
C PHE A 85 2.86 -7.92 -2.53
N SER A 86 3.85 -8.15 -3.39
CA SER A 86 3.66 -8.02 -4.83
C SER A 86 3.60 -9.42 -5.48
N TYR A 87 4.18 -10.41 -4.80
CA TYR A 87 3.83 -11.80 -5.02
C TYR A 87 2.32 -12.01 -4.82
N ARG A 88 1.72 -11.29 -3.88
CA ARG A 88 0.29 -11.31 -3.67
C ARG A 88 -0.56 -11.15 -4.95
N TRP A 89 -0.06 -10.38 -5.92
CA TRP A 89 -0.74 -10.24 -7.20
C TRP A 89 -0.75 -11.62 -7.88
N THR A 90 0.39 -12.31 -7.86
CA THR A 90 0.46 -13.67 -8.40
C THR A 90 -0.46 -14.64 -7.66
N GLN A 91 -0.52 -14.54 -6.34
CA GLN A 91 -1.39 -15.40 -5.55
C GLN A 91 -2.86 -15.20 -5.88
N ILE A 92 -3.25 -13.93 -6.13
CA ILE A 92 -4.61 -13.58 -6.53
C ILE A 92 -4.92 -14.20 -7.89
N LEU A 93 -4.05 -13.97 -8.85
CA LEU A 93 -4.25 -14.47 -10.20
C LEU A 93 -4.19 -16.01 -10.31
N GLU A 94 -3.34 -16.66 -9.52
CA GLU A 94 -3.23 -18.13 -9.57
C GLU A 94 -4.44 -18.85 -8.99
N LYS A 95 -5.02 -18.28 -7.93
CA LYS A 95 -6.15 -18.89 -7.27
C LYS A 95 -7.38 -18.76 -8.15
N GLY A 96 -7.50 -17.58 -8.78
CA GLY A 96 -8.63 -17.22 -9.60
C GLY A 96 -8.68 -17.82 -10.99
N LYS A 97 -7.52 -17.92 -11.64
CA LYS A 97 -7.39 -18.46 -12.99
C LYS A 97 -8.25 -17.70 -13.99
N PHE A 98 -8.35 -16.39 -13.82
CA PHE A 98 -9.20 -15.55 -14.69
C PHE A 98 -8.42 -14.73 -15.73
N ALA A 99 -7.12 -14.50 -15.50
CA ALA A 99 -6.27 -13.74 -16.41
C ALA A 99 -5.79 -14.57 -17.56
N LYS A 100 -5.53 -13.93 -18.69
CA LYS A 100 -4.98 -14.64 -19.84
C LYS A 100 -3.52 -15.02 -19.59
N SER A 101 -2.73 -14.11 -19.02
CA SER A 101 -1.31 -14.37 -18.78
C SER A 101 -0.74 -13.41 -17.80
N SER A 102 0.44 -13.74 -17.31
CA SER A 102 1.08 -12.93 -16.31
C SER A 102 2.58 -12.97 -16.52
N THR A 103 3.23 -11.81 -16.66
CA THR A 103 4.69 -11.74 -16.68
C THR A 103 5.20 -11.15 -15.36
N VAL A 104 6.05 -11.90 -14.65
CA VAL A 104 6.62 -11.44 -13.37
C VAL A 104 8.10 -11.02 -13.52
N LEU A 105 8.40 -9.75 -13.24
CA LEU A 105 9.78 -9.21 -13.21
C LEU A 105 10.19 -9.07 -11.74
N THR A 106 11.05 -9.98 -11.29
CA THR A 106 11.42 -10.05 -9.87
C THR A 106 12.60 -9.15 -9.53
N ALA A 107 12.69 -8.71 -8.28
CA ALA A 107 13.86 -7.97 -7.83
C ALA A 107 15.16 -8.85 -7.89
N GLU A 108 16.32 -8.20 -7.99
CA GLU A 108 17.64 -8.83 -8.19
CA GLU A 108 17.63 -8.88 -8.14
C GLU A 108 18.64 -8.32 -7.12
N ARG A 109 19.50 -9.19 -6.58
CA ARG A 109 20.51 -8.71 -5.64
C ARG A 109 21.54 -7.90 -6.42
N THR A 110 22.15 -6.91 -5.77
CA THR A 110 23.19 -6.11 -6.42
C THR A 110 24.48 -6.91 -6.67
N GLU A 111 24.69 -8.02 -5.95
CA GLU A 111 25.81 -8.97 -6.22
C GLU A 111 25.47 -10.37 -5.67
N ASP A 112 25.93 -11.44 -6.33
CA ASP A 112 25.67 -12.84 -5.91
C ASP A 112 26.86 -13.42 -5.12
N THR A 113 26.90 -13.12 -3.82
CA THR A 113 27.93 -13.63 -2.90
C THR A 113 27.24 -14.39 -1.75
N GLU A 114 28.03 -15.15 -0.98
CA GLU A 114 27.53 -15.86 0.21
C GLU A 114 26.96 -14.85 1.24
N ALA A 115 27.72 -13.76 1.49
CA ALA A 115 27.29 -12.73 2.45
C ALA A 115 26.02 -12.02 1.97
N PRO A 116 25.24 -11.44 2.88
CA PRO A 116 23.97 -10.85 2.42
C PRO A 116 24.10 -9.52 1.67
N LYS A 117 23.43 -9.44 0.52
CA LYS A 117 23.41 -8.25 -0.36
C LYS A 117 22.01 -7.69 -0.55
N PRO A 118 21.90 -6.36 -0.64
CA PRO A 118 20.60 -5.79 -0.81
C PRO A 118 20.00 -6.07 -2.17
N PHE A 119 18.71 -5.80 -2.28
CA PHE A 119 17.90 -6.04 -3.47
C PHE A 119 17.42 -4.73 -4.06
N ALA A 120 17.32 -4.72 -5.40
CA ALA A 120 16.80 -3.61 -6.18
C ALA A 120 15.72 -4.13 -7.14
N PRO A 121 14.75 -3.27 -7.50
CA PRO A 121 13.79 -3.72 -8.47
C PRO A 121 14.43 -3.87 -9.83
N VAL A 122 13.74 -4.59 -10.71
CA VAL A 122 14.21 -4.81 -12.10
C VAL A 122 14.44 -3.45 -12.72
N ASP A 123 15.53 -3.31 -13.47
CA ASP A 123 15.90 -1.99 -13.89
C ASP A 123 14.82 -1.46 -14.87
N ILE A 124 14.58 -0.15 -14.79
CA ILE A 124 13.45 0.45 -15.49
C ILE A 124 13.47 0.26 -17.03
N GLU A 125 14.65 0.34 -17.65
CA GLU A 125 14.79 0.06 -19.10
C GLU A 125 14.22 -1.33 -19.48
N THR A 126 14.53 -2.35 -18.68
CA THR A 126 14.02 -3.73 -18.93
C THR A 126 12.53 -3.82 -18.67
N ALA A 127 12.06 -3.15 -17.63
CA ALA A 127 10.63 -3.18 -17.33
C ALA A 127 9.87 -2.59 -18.50
N VAL A 128 10.36 -1.43 -18.96
CA VAL A 128 9.73 -0.67 -20.03
C VAL A 128 9.71 -1.49 -21.31
N ALA A 129 10.85 -2.07 -21.67
CA ALA A 129 10.93 -2.87 -22.89
C ALA A 129 9.95 -4.03 -22.84
N LYS A 130 9.90 -4.74 -21.71
CA LYS A 130 9.06 -5.93 -21.56
CA LYS A 130 9.07 -5.94 -21.60
C LYS A 130 7.56 -5.63 -21.68
N ILE A 131 7.13 -4.53 -21.05
CA ILE A 131 5.74 -4.07 -21.15
C ILE A 131 5.30 -3.85 -22.61
N LYS A 132 6.17 -3.26 -23.42
CA LYS A 132 5.91 -3.04 -24.86
C LYS A 132 5.92 -4.33 -25.68
N GLU A 133 6.77 -5.28 -25.29
CA GLU A 133 6.81 -6.59 -25.94
C GLU A 133 5.56 -7.39 -25.63
N ASP A 134 5.12 -7.33 -24.38
CA ASP A 134 3.97 -8.03 -23.80
CA ASP A 134 3.98 -8.13 -24.01
C ASP A 134 2.62 -7.43 -24.28
N LYS A 135 2.64 -6.14 -24.63
CA LYS A 135 1.43 -5.33 -24.92
C LYS A 135 0.48 -5.43 -23.70
N SER A 136 1.07 -5.19 -22.53
CA SER A 136 0.36 -5.41 -21.26
C SER A 136 -0.90 -4.57 -21.13
N ALA A 137 -2.03 -5.21 -20.87
CA ALA A 137 -3.27 -4.49 -20.62
C ALA A 137 -3.19 -3.82 -19.26
N ILE A 138 -2.51 -4.47 -18.31
CA ILE A 138 -2.42 -3.94 -16.93
C ILE A 138 -1.03 -4.20 -16.37
N VAL A 139 -0.43 -3.20 -15.72
CA VAL A 139 0.84 -3.36 -15.02
C VAL A 139 0.60 -3.12 -13.50
N TYR A 140 1.08 -4.05 -12.67
CA TYR A 140 0.96 -3.96 -11.21
C TYR A 140 2.32 -3.76 -10.57
N ALA A 141 2.42 -2.79 -9.68
CA ALA A 141 3.68 -2.55 -8.99
C ALA A 141 3.45 -2.01 -7.59
N PRO A 142 4.27 -2.42 -6.61
CA PRO A 142 4.15 -1.85 -5.27
C PRO A 142 5.00 -0.61 -5.15
N HIS A 143 4.39 0.46 -4.67
CA HIS A 143 5.13 1.67 -4.39
C HIS A 143 6.14 1.34 -3.30
N VAL A 144 5.69 0.84 -2.15
CA VAL A 144 6.58 0.35 -1.11
C VAL A 144 6.22 -1.11 -0.90
N GLU A 145 7.23 -1.99 -0.96
CA GLU A 145 7.04 -3.42 -0.74
C GLU A 145 7.42 -3.70 0.70
N THR A 146 6.49 -4.24 1.47
CA THR A 146 6.59 -4.32 2.92
C THR A 146 7.58 -5.39 3.38
N SER A 147 7.82 -6.40 2.56
CA SER A 147 8.72 -7.49 2.95
C SER A 147 10.16 -7.17 2.76
N SER A 148 10.45 -6.26 1.83
CA SER A 148 11.82 -5.90 1.48
C SER A 148 12.23 -4.44 1.79
N GLY A 149 11.27 -3.60 2.14
CA GLY A 149 11.49 -2.17 2.32
C GLY A 149 11.89 -1.43 1.04
N ILE A 150 11.51 -1.96 -0.12
CA ILE A 150 11.90 -1.39 -1.43
C ILE A 150 10.83 -0.38 -1.87
N ILE A 151 11.28 0.82 -2.24
CA ILE A 151 10.39 1.87 -2.73
C ILE A 151 10.74 2.21 -4.17
N LEU A 152 9.73 2.23 -5.04
CA LEU A 152 9.90 2.65 -6.42
C LEU A 152 9.87 4.18 -6.50
N SER A 153 10.88 4.78 -7.16
CA SER A 153 10.90 6.26 -7.37
C SER A 153 9.73 6.80 -8.23
N GLU A 154 9.43 8.07 -8.06
CA GLU A 154 8.36 8.73 -8.83
C GLU A 154 8.66 8.64 -10.30
N GLU A 155 9.90 8.96 -10.68
CA GLU A 155 10.34 8.78 -12.08
C GLU A 155 10.23 7.31 -12.60
N TYR A 156 10.44 6.29 -11.77
CA TYR A 156 10.29 4.88 -12.19
C TYR A 156 8.85 4.56 -12.54
N ILE A 157 7.96 4.93 -11.61
CA ILE A 157 6.53 4.80 -11.77
C ILE A 157 6.08 5.51 -13.04
N LYS A 158 6.52 6.74 -13.24
CA LYS A 158 6.18 7.51 -14.45
C LYS A 158 6.60 6.75 -15.70
N ALA A 159 7.81 6.18 -15.69
CA ALA A 159 8.28 5.40 -16.83
C ALA A 159 7.35 4.21 -17.09
N LEU A 160 6.87 3.56 -16.05
CA LEU A 160 5.99 2.41 -16.22
C LEU A 160 4.68 2.91 -16.84
N SER A 161 4.17 4.03 -16.30
CA SER A 161 2.98 4.67 -16.84
C SER A 161 3.06 4.93 -18.34
N GLU A 162 4.03 5.71 -18.77
CA GLU A 162 4.22 5.98 -20.18
C GLU A 162 4.31 4.71 -21.03
N ALA A 163 5.07 3.69 -20.57
CA ALA A 163 5.21 2.43 -21.30
C ALA A 163 3.88 1.70 -21.48
N VAL A 164 3.12 1.52 -20.39
CA VAL A 164 1.86 0.83 -20.48
C VAL A 164 0.80 1.65 -21.24
N HIS A 165 0.88 3.00 -21.17
CA HIS A 165 -0.03 3.84 -21.94
C HIS A 165 0.22 3.75 -23.43
N SER A 166 1.49 3.56 -23.82
CA SER A 166 1.89 3.50 -25.22
C SER A 166 1.35 2.26 -25.93
N VAL A 167 0.94 1.24 -25.16
CA VAL A 167 0.34 0.00 -25.67
C VAL A 167 -1.15 -0.19 -25.26
N GLY A 168 -1.74 0.84 -24.66
CA GLY A 168 -3.18 0.91 -24.41
C GLY A 168 -3.65 0.32 -23.11
N GLY A 169 -2.74 0.21 -22.15
CA GLY A 169 -3.04 -0.37 -20.86
C GLY A 169 -3.05 0.69 -19.76
N LEU A 170 -3.24 0.21 -18.52
CA LEU A 170 -3.40 1.02 -17.33
C LEU A 170 -2.34 0.65 -16.30
N LEU A 171 -1.94 1.61 -15.45
CA LEU A 171 -0.96 1.34 -14.40
C LEU A 171 -1.64 1.30 -13.04
N VAL A 172 -1.44 0.20 -12.31
CA VAL A 172 -1.97 -0.02 -10.99
C VAL A 172 -0.79 0.06 -9.97
N ILE A 173 -0.85 1.00 -9.05
CA ILE A 173 0.15 1.13 -7.99
C ILE A 173 -0.45 0.80 -6.60
N ASP A 174 0.19 -0.15 -5.90
CA ASP A 174 -0.19 -0.52 -4.56
C ASP A 174 0.56 0.42 -3.59
N CYS A 175 -0.18 1.35 -2.97
CA CYS A 175 0.35 2.30 -1.99
C CYS A 175 -0.07 1.98 -0.59
N ILE A 176 -0.34 0.71 -0.29
CA ILE A 176 -0.80 0.34 1.04
C ILE A 176 0.29 0.61 2.10
N ALA A 177 1.58 0.53 1.71
CA ALA A 177 2.73 0.72 2.63
C ALA A 177 3.48 2.04 2.38
N SER A 178 2.88 2.90 1.57
CA SER A 178 3.46 4.19 1.24
C SER A 178 3.60 5.10 2.44
N GLY A 179 2.75 4.94 3.43
CA GLY A 179 2.76 5.87 4.58
C GLY A 179 2.33 7.22 4.02
N CYS A 180 2.95 8.28 4.51
CA CYS A 180 2.66 9.62 4.06
C CYS A 180 3.49 10.07 2.81
N VAL A 181 4.15 9.14 2.12
CA VAL A 181 4.82 9.43 0.86
C VAL A 181 3.72 9.45 -0.25
N TRP A 182 3.03 10.59 -0.37
CA TRP A 182 1.88 10.76 -1.26
C TRP A 182 2.27 10.72 -2.73
N LEU A 183 1.47 10.08 -3.57
CA LEU A 183 1.72 10.08 -5.02
C LEU A 183 0.56 10.85 -5.67
N ASP A 184 0.89 11.79 -6.56
CA ASP A 184 -0.07 12.56 -7.36
C ASP A 184 -0.25 11.77 -8.66
N LYS A 186 -1.98 12.08 -11.50
CA LYS A 186 -1.96 12.67 -12.84
C LYS A 186 -0.57 13.04 -13.26
N GLU A 187 0.22 13.53 -12.31
CA GLU A 187 1.61 13.83 -12.58
C GLU A 187 2.37 12.56 -13.03
N LEU A 188 2.11 11.43 -12.37
CA LEU A 188 2.83 10.18 -12.64
C LEU A 188 2.14 9.27 -13.65
N GLY A 189 0.87 9.56 -13.96
CA GLY A 189 0.15 8.77 -14.94
C GLY A 189 -0.28 7.42 -14.36
N ILE A 190 -0.63 7.40 -13.09
CA ILE A 190 -1.15 6.24 -12.40
C ILE A 190 -2.66 6.17 -12.62
N ASP A 191 -3.18 4.97 -12.95
CA ASP A 191 -4.59 4.80 -13.22
C ASP A 191 -5.40 4.26 -12.06
N VAL A 192 -4.81 3.36 -11.28
CA VAL A 192 -5.42 2.78 -10.10
C VAL A 192 -4.39 2.87 -8.97
N LEU A 193 -4.78 3.44 -7.84
CA LEU A 193 -3.91 3.59 -6.70
C LEU A 193 -4.66 2.96 -5.52
N ILE A 194 -4.05 1.99 -4.85
CA ILE A 194 -4.67 1.24 -3.77
C ILE A 194 -4.10 1.64 -2.41
N SER A 195 -4.97 1.94 -1.44
CA SER A 195 -4.56 2.29 -0.07
C SER A 195 -5.46 1.55 0.94
N ALA A 196 -5.25 1.85 2.23
CA ALA A 196 -5.97 1.15 3.32
C ALA A 196 -5.93 2.11 4.50
N PRO A 197 -6.87 2.00 5.45
CA PRO A 197 -6.77 3.01 6.49
C PRO A 197 -5.82 2.74 7.62
N GLN A 198 -5.22 1.54 7.70
CA GLN A 198 -4.53 1.16 8.94
C GLN A 198 -3.01 1.38 9.04
N GLY A 200 -0.37 4.01 6.95
CA GLY A 200 -0.13 5.46 6.97
C GLY A 200 -1.22 6.35 7.53
N TRP A 201 -2.47 6.02 7.20
CA TRP A 201 -3.59 6.85 7.64
C TRP A 201 -4.03 6.76 9.11
N SER A 202 -3.42 5.89 9.90
CA SER A 202 -3.63 5.91 11.38
C SER A 202 -5.05 5.73 11.91
N SER A 203 -5.77 4.79 11.32
CA SER A 203 -7.12 4.45 11.78
C SER A 203 -7.23 2.92 11.92
N THR A 204 -8.46 2.50 12.21
CA THR A 204 -8.74 1.09 12.39
C THR A 204 -8.89 0.41 11.02
N PRO A 205 -8.52 -0.88 10.94
CA PRO A 205 -8.69 -1.54 9.65
C PRO A 205 -10.17 -1.80 9.38
N CYS A 206 -10.56 -1.72 8.11
CA CYS A 206 -11.94 -1.93 7.70
C CYS A 206 -12.22 -2.01 6.21
N ALA A 207 -11.31 -1.52 5.35
CA ALA A 207 -11.62 -1.38 3.94
C ALA A 207 -10.39 -1.25 3.09
N GLY A 208 -10.53 -1.64 1.82
CA GLY A 208 -9.57 -1.37 0.77
C GLY A 208 -9.98 -0.07 0.09
N LEU A 209 -9.00 0.73 -0.28
CA LEU A 209 -9.29 2.02 -0.92
C LEU A 209 -8.73 1.94 -2.34
N VAL A 210 -9.59 2.18 -3.33
CA VAL A 210 -9.20 2.14 -4.74
C VAL A 210 -9.48 3.51 -5.39
N LEU A 212 -9.00 6.03 -8.74
CA LEU A 212 -9.04 5.76 -10.18
C LEU A 212 -8.86 7.03 -11.01
N SER A 213 -8.12 6.90 -12.12
CA SER A 213 -8.06 7.97 -13.13
C SER A 213 -9.27 7.89 -14.08
N ALA A 214 -9.42 8.92 -14.92
CA ALA A 214 -10.46 8.95 -15.92
C ALA A 214 -10.40 7.74 -16.83
N ALA A 215 -9.20 7.33 -17.22
CA ALA A 215 -9.07 6.18 -18.13
C ALA A 215 -9.45 4.92 -17.43
N ALA A 216 -9.07 4.80 -16.16
CA ALA A 216 -9.48 3.70 -15.30
C ALA A 216 -11.01 3.62 -15.12
N ILE A 217 -11.66 4.77 -14.86
CA ILE A 217 -13.12 4.81 -14.68
C ILE A 217 -13.78 4.30 -15.98
N LYS A 218 -13.25 4.73 -17.11
CA LYS A 218 -13.80 4.37 -18.42
C LYS A 218 -13.68 2.86 -18.61
N LYS A 219 -12.55 2.27 -18.23
CA LYS A 219 -12.36 0.80 -18.40
C LYS A 219 -13.19 -0.02 -17.39
N VAL A 220 -13.31 0.46 -16.15
CA VAL A 220 -14.17 -0.18 -15.17
C VAL A 220 -15.62 -0.20 -15.67
N GLU A 221 -16.08 0.89 -16.30
CA GLU A 221 -17.45 0.97 -16.82
C GLU A 221 -17.71 0.02 -18.00
N SER A 222 -16.69 -0.27 -18.79
CA SER A 222 -16.83 -1.13 -19.95
C SER A 222 -16.38 -2.57 -19.74
N THR A 223 -16.08 -2.94 -18.50
CA THR A 223 -15.74 -4.33 -18.15
C THR A 223 -16.73 -4.89 -17.13
N GLU A 224 -16.70 -6.22 -16.96
CA GLU A 224 -17.59 -6.94 -16.03
C GLU A 224 -16.80 -7.87 -15.09
N SER A 225 -16.89 -7.59 -13.78
CA SER A 225 -16.21 -8.38 -12.76
C SER A 225 -16.75 -9.78 -12.67
N ASN A 226 -15.93 -10.69 -12.18
CA ASN A 226 -16.37 -12.06 -11.99
C ASN A 226 -16.64 -12.38 -10.51
N CYS A 227 -16.76 -11.36 -9.67
CA CYS A 227 -17.00 -11.56 -8.26
C CYS A 227 -17.99 -10.56 -7.72
N PHE A 228 -19.17 -11.07 -7.37
CA PHE A 228 -20.24 -10.24 -6.83
C PHE A 228 -19.81 -9.34 -5.67
N SER A 229 -19.18 -9.89 -4.65
CA SER A 229 -18.86 -9.11 -3.45
C SER A 229 -17.84 -8.00 -3.69
N LEU A 230 -16.84 -8.27 -4.54
CA LEU A 230 -15.73 -7.35 -4.82
C LEU A 230 -15.83 -6.66 -6.20
N ASP A 231 -17.03 -6.54 -6.73
CA ASP A 231 -17.27 -5.95 -8.03
C ASP A 231 -16.93 -4.44 -7.96
N LEU A 232 -15.82 -4.04 -8.59
CA LEU A 232 -15.31 -2.65 -8.54
C LEU A 232 -16.29 -1.64 -9.19
N LYS A 233 -16.87 -2.00 -10.33
CA LYS A 233 -17.91 -1.21 -10.98
C LYS A 233 -19.13 -1.02 -10.08
N GLN A 234 -19.53 -2.06 -9.35
CA GLN A 234 -20.69 -1.94 -8.48
C GLN A 234 -20.30 -1.09 -7.28
N TRP A 235 -19.10 -1.21 -6.72
CA TRP A 235 -18.76 -0.32 -5.62
C TRP A 235 -18.61 1.15 -6.07
N LEU A 236 -18.21 1.38 -7.31
CA LEU A 236 -18.14 2.77 -7.84
C LEU A 236 -19.53 3.36 -7.96
N THR A 237 -20.49 2.54 -8.38
CA THR A 237 -21.91 2.94 -8.45
C THR A 237 -22.41 3.36 -7.06
N ILE A 238 -22.10 2.59 -6.04
CA ILE A 238 -22.43 2.98 -4.67
C ILE A 238 -21.79 4.33 -4.28
N ARG A 240 -20.98 6.77 -6.17
CA ARG A 240 -21.69 7.80 -6.91
C ARG A 240 -23.02 8.19 -6.32
N ALA A 241 -23.75 7.25 -5.71
CA ALA A 241 -25.00 7.63 -5.06
C ALA A 241 -24.76 8.63 -3.93
N TYR A 242 -23.70 8.44 -3.15
CA TYR A 242 -23.30 9.41 -2.12
C TYR A 242 -22.84 10.74 -2.73
N GLU A 243 -22.03 10.69 -3.79
CA GLU A 243 -21.57 11.91 -4.48
C GLU A 243 -22.75 12.76 -5.03
N ASN A 244 -23.83 12.07 -5.47
CA ASN A 244 -25.02 12.72 -5.94
C ASN A 244 -25.98 13.19 -4.84
N GLY A 245 -25.62 13.05 -3.56
CA GLY A 245 -26.44 13.58 -2.45
C GLY A 245 -27.35 12.57 -1.76
N GLY A 246 -27.22 11.31 -2.12
CA GLY A 246 -28.04 10.23 -1.56
C GLY A 246 -27.18 9.13 -0.97
N HIS A 247 -27.65 7.89 -1.13
CA HIS A 247 -26.98 6.69 -0.60
C HIS A 247 -27.44 5.48 -1.42
N ALA A 248 -26.78 4.35 -1.22
CA ALA A 248 -27.11 3.11 -1.91
C ALA A 248 -26.45 2.01 -1.10
N TYR A 249 -26.88 0.78 -1.35
CA TYR A 249 -26.43 -0.36 -0.64
C TYR A 249 -26.05 -1.45 -1.65
N HIS A 250 -24.93 -2.12 -1.41
CA HIS A 250 -24.56 -3.35 -2.11
C HIS A 250 -24.34 -4.46 -1.06
N ALA A 251 -23.44 -4.21 -0.13
CA ALA A 251 -23.19 -5.03 1.06
C ALA A 251 -22.89 -4.01 2.18
N THR A 252 -23.19 -4.33 3.44
CA THR A 252 -23.03 -3.35 4.54
C THR A 252 -21.58 -2.81 4.72
N PRO A 254 -18.54 -0.68 6.73
CA PRO A 254 -18.09 -0.53 8.12
C PRO A 254 -18.21 0.91 8.51
N THR A 255 -19.43 1.32 8.77
CA THR A 255 -19.75 2.74 8.88
C THR A 255 -19.01 3.45 9.99
N ASP A 256 -19.04 2.92 11.21
CA ASP A 256 -18.38 3.63 12.32
C ASP A 256 -16.86 3.68 12.11
N SER A 257 -16.28 2.64 11.51
CA SER A 257 -14.82 2.61 11.24
C SER A 257 -14.44 3.62 10.20
N LEU A 258 -15.30 3.83 9.21
CA LEU A 258 -15.06 4.81 8.16
C LEU A 258 -15.18 6.22 8.74
N ARG A 259 -16.07 6.44 9.71
CA ARG A 259 -16.13 7.76 10.34
C ARG A 259 -14.83 8.03 11.09
N GLN A 260 -14.28 7.01 11.79
CA GLN A 260 -12.96 7.14 12.44
C GLN A 260 -11.89 7.48 11.40
N PHE A 261 -11.94 6.85 10.23
CA PHE A 261 -10.98 7.14 9.14
C PHE A 261 -11.11 8.59 8.67
N ARG A 262 -12.33 9.07 8.52
CA ARG A 262 -12.54 10.45 8.10
C ARG A 262 -11.89 11.38 9.10
N ASP A 263 -12.11 11.12 10.39
CA ASP A 263 -11.48 11.93 11.45
C ASP A 263 -9.94 11.86 11.40
N ALA A 264 -9.37 10.71 11.04
CA ALA A 264 -7.91 10.55 10.94
C ALA A 264 -7.37 11.37 9.75
N ILE A 265 -8.09 11.32 8.62
CA ILE A 265 -7.75 12.12 7.46
C ILE A 265 -7.72 13.61 7.82
N LEU A 266 -8.73 14.11 8.52
CA LEU A 266 -8.76 15.51 8.90
C LEU A 266 -7.69 15.85 9.93
N GLU A 267 -7.37 14.94 10.83
CA GLU A 267 -6.29 15.18 11.80
C GLU A 267 -4.99 15.39 11.07
N ALA A 268 -4.72 14.53 10.06
CA ALA A 268 -3.54 14.61 9.23
C ALA A 268 -3.56 15.95 8.49
N LYS A 269 -4.70 16.26 7.87
CA LYS A 269 -4.86 17.49 7.09
C LYS A 269 -4.51 18.74 7.91
N GLU A 270 -4.96 18.77 9.16
CA GLU A 270 -4.73 19.93 10.06
C GLU A 270 -3.26 20.06 10.43
N ILE A 271 -2.57 18.92 10.58
CA ILE A 271 -1.13 18.93 10.79
C ILE A 271 -0.40 19.44 9.54
N GLY A 272 -0.74 18.86 8.38
CA GLY A 272 -0.17 19.27 7.09
C GLY A 272 0.37 18.07 6.35
N PHE A 273 -0.26 17.75 5.23
CA PHE A 273 0.15 16.60 4.43
C PHE A 273 1.62 16.65 4.00
N ASP A 274 2.15 17.83 3.62
CA ASP A 274 3.57 17.95 3.23
C ASP A 274 4.49 17.81 4.42
N ILE A 275 4.10 18.41 5.55
CA ILE A 275 4.85 18.24 6.81
C ILE A 275 4.95 16.76 7.13
N LEU A 276 3.86 16.03 6.96
CA LEU A 276 3.83 14.59 7.23
C LEU A 276 4.69 13.81 6.24
N ARG A 277 4.75 14.27 4.98
CA ARG A 277 5.56 13.61 3.97
CA ARG A 277 5.58 13.59 3.97
C ARG A 277 7.04 13.72 4.35
N ASP A 278 7.47 14.94 4.66
CA ASP A 278 8.85 15.17 5.12
C ASP A 278 9.17 14.45 6.42
N ALA A 279 8.22 14.41 7.33
CA ALA A 279 8.41 13.70 8.58
C ALA A 279 8.63 12.23 8.29
N GLN A 280 7.91 11.66 7.33
CA GLN A 280 8.02 10.22 7.07
C GLN A 280 9.44 9.90 6.63
N TRP A 281 9.94 10.72 5.73
CA TRP A 281 11.31 10.55 5.23
C TRP A 281 12.37 10.74 6.36
N GLU A 282 12.26 11.79 7.17
CA GLU A 282 13.16 12.08 8.31
CA GLU A 282 13.25 12.02 8.22
C GLU A 282 13.26 10.87 9.24
N LEU A 283 12.09 10.32 9.59
CA LEU A 283 12.06 9.18 10.52
C LEU A 283 12.76 8.00 9.92
N GLY A 284 12.37 7.65 8.70
CA GLY A 284 12.93 6.50 7.98
C GLY A 284 14.45 6.61 7.83
N ASN A 285 14.91 7.77 7.40
CA ASN A 285 16.34 7.99 7.26
C ASN A 285 17.06 7.88 8.60
N ARG A 286 16.48 8.46 9.65
CA ARG A 286 17.13 8.45 10.97
C ARG A 286 17.18 7.05 11.56
N VAL A 287 16.10 6.30 11.43
CA VAL A 287 16.05 4.90 11.87
C VAL A 287 17.03 4.04 11.05
N ARG A 288 17.08 4.22 9.73
CA ARG A 288 18.03 3.48 8.90
C ARG A 288 19.50 3.74 9.28
N LYS A 289 19.79 4.97 9.69
CA LYS A 289 21.13 5.40 10.07
C LYS A 289 21.53 4.70 11.35
N VAL A 290 20.61 4.63 12.32
CA VAL A 290 20.84 3.95 13.59
C VAL A 290 21.23 2.49 13.33
N LEU A 291 20.58 1.84 12.37
CA LEU A 291 20.85 0.44 12.05
C LEU A 291 22.21 0.28 11.37
N THR A 292 22.48 1.05 10.33
CA THR A 292 23.76 0.97 9.63
C THR A 292 24.94 1.36 10.54
N ASP A 293 24.70 2.29 11.47
CA ASP A 293 25.69 2.66 12.49
C ASP A 293 26.09 1.48 13.39
N LYS A 294 25.16 0.54 13.61
CA LYS A 294 25.41 -0.67 14.40
C LYS A 294 25.80 -1.88 13.51
N GLY A 295 26.11 -1.62 12.24
CA GLY A 295 26.52 -2.68 11.32
C GLY A 295 25.41 -3.57 10.79
N ILE A 296 24.15 -3.15 10.92
CA ILE A 296 22.99 -3.93 10.48
C ILE A 296 22.64 -3.48 9.05
N GLU A 297 22.70 -4.39 8.06
CA GLU A 297 22.54 -4.11 6.62
CA GLU A 297 22.53 -3.95 6.68
C GLU A 297 21.08 -4.06 6.15
N SER A 298 20.77 -3.13 5.24
CA SER A 298 19.47 -3.02 4.62
C SER A 298 19.26 -4.08 3.55
N VAL A 299 18.05 -4.62 3.50
CA VAL A 299 17.63 -5.53 2.43
C VAL A 299 17.27 -4.77 1.14
N ALA A 300 16.98 -3.46 1.24
CA ALA A 300 16.69 -2.61 0.07
C ALA A 300 17.95 -1.91 -0.35
N ALA A 301 18.28 -2.00 -1.64
CA ALA A 301 19.51 -1.42 -2.16
C ALA A 301 19.47 0.09 -2.15
N GLU A 302 20.66 0.70 -2.15
CA GLU A 302 20.83 2.13 -2.11
CA GLU A 302 20.77 2.16 -2.08
C GLU A 302 19.97 2.78 -3.21
N GLY A 303 19.21 3.81 -2.86
CA GLY A 303 18.31 4.47 -3.80
C GLY A 303 16.89 3.93 -3.84
N PHE A 304 16.65 2.77 -3.22
CA PHE A 304 15.33 2.15 -3.18
C PHE A 304 14.88 1.88 -1.75
N GLU A 305 15.46 2.60 -0.80
CA GLU A 305 15.17 2.41 0.61
C GLU A 305 13.89 3.16 1.03
N ALA A 306 12.86 2.40 1.40
CA ALA A 306 11.56 2.93 1.83
C ALA A 306 11.65 3.54 3.22
N PRO A 307 10.98 4.67 3.46
CA PRO A 307 10.97 5.27 4.80
C PRO A 307 9.99 4.69 5.83
N GLY A 308 8.82 4.22 5.40
CA GLY A 308 7.79 3.74 6.34
C GLY A 308 7.97 2.29 6.75
N VAL A 309 8.77 1.55 5.99
CA VAL A 309 9.05 0.15 6.27
C VAL A 309 10.56 0.01 6.12
N VAL A 310 11.23 -0.50 7.16
CA VAL A 310 12.66 -0.73 7.11
C VAL A 310 12.91 -2.21 7.36
N VAL A 311 13.48 -2.91 6.37
CA VAL A 311 13.76 -4.33 6.46
C VAL A 311 15.27 -4.55 6.45
N SER A 312 15.77 -5.23 7.47
CA SER A 312 17.24 -5.42 7.62
C SER A 312 17.63 -6.88 7.75
N TYR A 313 18.88 -7.19 7.44
CA TYR A 313 19.39 -8.56 7.56
C TYR A 313 19.77 -8.86 8.99
N THR A 314 19.51 -10.08 9.44
CA THR A 314 20.01 -10.56 10.72
C THR A 314 20.34 -12.02 10.62
N GLU A 315 21.15 -12.50 11.54
CA GLU A 315 21.45 -13.93 11.65
C GLU A 315 20.89 -14.51 12.96
N ARG A 316 20.16 -13.69 13.71
CA ARG A 316 19.64 -14.05 15.03
C ARG A 316 18.18 -14.37 14.93
N ASP A 317 17.78 -15.57 15.37
CA ASP A 317 16.39 -16.00 15.28
CA ASP A 317 16.37 -15.98 15.25
C ASP A 317 15.48 -15.09 16.12
N ASP A 318 15.98 -14.65 17.26
CA ASP A 318 15.20 -13.81 18.16
C ASP A 318 15.00 -12.39 17.63
N HIS A 320 14.98 -11.98 14.07
CA HIS A 320 14.20 -12.36 12.90
C HIS A 320 12.71 -12.67 13.18
N LYS A 321 12.42 -13.32 14.29
CA LYS A 321 11.05 -13.60 14.71
C LYS A 321 10.48 -12.48 15.61
N GLY A 322 11.33 -11.54 16.07
CA GLY A 322 10.88 -10.38 16.84
C GLY A 322 10.87 -10.53 18.35
N SER A 323 11.14 -11.71 18.85
CA SER A 323 11.06 -11.93 20.29
C SER A 323 12.00 -11.05 21.12
N ALA A 324 13.21 -10.81 20.60
CA ALA A 324 14.20 -9.96 21.31
C ALA A 324 13.73 -8.50 21.48
N PHE A 325 13.07 -7.96 20.47
CA PHE A 325 12.48 -6.62 20.54
C PHE A 325 11.29 -6.59 21.49
N ALA A 326 10.48 -7.66 21.48
CA ALA A 326 9.38 -7.81 22.43
C ALA A 326 9.88 -7.81 23.87
N GLU A 327 11.00 -8.48 24.15
CA GLU A 327 11.64 -8.41 25.49
C GLU A 327 11.99 -6.99 25.92
N ALA A 328 12.42 -6.16 24.96
CA ALA A 328 12.74 -4.75 25.16
C ALA A 328 11.52 -3.80 25.06
N GLY A 329 10.31 -4.35 24.90
CA GLY A 329 9.07 -3.59 24.95
C GLY A 329 8.55 -3.06 23.61
N LEU A 330 9.00 -3.65 22.51
CA LEU A 330 8.62 -3.21 21.17
C LEU A 330 8.01 -4.33 20.34
N GLN A 331 6.97 -3.97 19.61
CA GLN A 331 6.35 -4.88 18.67
C GLN A 331 6.93 -4.55 17.30
N ILE A 332 7.66 -5.51 16.72
CA ILE A 332 8.13 -5.38 15.35
C ILE A 332 7.39 -6.43 14.51
N ALA A 333 7.79 -6.59 13.26
CA ALA A 333 7.24 -7.59 12.34
C ALA A 333 8.36 -8.59 12.03
N ALA A 334 8.07 -9.89 12.14
CA ALA A 334 9.01 -10.94 11.79
C ALA A 334 9.34 -10.85 10.31
N GLY A 335 10.57 -11.21 9.96
CA GLY A 335 10.99 -11.26 8.57
C GLY A 335 10.19 -12.30 7.83
N VAL A 336 9.90 -12.05 6.55
CA VAL A 336 9.16 -13.01 5.73
C VAL A 336 9.91 -13.19 4.39
N PRO A 337 9.58 -14.22 3.61
CA PRO A 337 10.27 -14.39 2.31
C PRO A 337 9.85 -13.33 1.27
N LEU A 338 10.63 -13.26 0.19
CA LEU A 338 10.36 -12.34 -0.93
C LEU A 338 9.72 -13.02 -2.12
N LYS A 339 9.99 -14.31 -2.29
CA LYS A 339 9.56 -15.09 -3.45
C LYS A 339 10.20 -14.52 -4.70
N VAL A 340 11.46 -14.03 -4.60
CA VAL A 340 12.20 -13.52 -5.77
C VAL A 340 13.44 -14.37 -6.12
N GLY A 341 13.52 -15.58 -5.57
CA GLY A 341 14.68 -16.45 -5.79
C GLY A 341 15.81 -16.09 -4.85
N GLU A 342 15.46 -15.46 -3.72
CA GLU A 342 16.43 -15.09 -2.71
C GLU A 342 17.16 -16.35 -2.22
N PRO A 343 18.37 -16.18 -1.67
CA PRO A 343 19.07 -17.37 -1.24
C PRO A 343 18.41 -18.12 -0.07
N ASP A 344 18.88 -19.34 0.17
CA ASP A 344 18.31 -20.20 1.23
C ASP A 344 18.59 -19.65 2.65
N ASN A 345 19.72 -18.96 2.82
CA ASN A 345 20.07 -18.35 4.10
C ASN A 345 19.42 -16.97 4.38
N PHE A 346 18.46 -16.55 3.55
CA PHE A 346 17.78 -15.24 3.66
C PHE A 346 17.09 -15.16 5.02
N LYS A 347 17.55 -14.22 5.85
CA LYS A 347 16.98 -14.06 7.18
C LYS A 347 16.98 -12.57 7.52
N THR A 348 15.79 -12.06 7.92
CA THR A 348 15.57 -10.64 8.07
C THR A 348 14.61 -10.31 9.23
N PHE A 349 14.50 -9.01 9.52
CA PHE A 349 13.48 -8.49 10.44
C PHE A 349 12.99 -7.14 9.94
N ARG A 350 11.78 -6.77 10.36
CA ARG A 350 11.10 -5.62 9.78
C ARG A 350 10.52 -4.70 10.82
N LEU A 351 10.56 -3.40 10.51
CA LEU A 351 10.05 -2.33 11.37
C LEU A 351 9.11 -1.51 10.53
N GLY A 352 7.99 -1.12 11.13
CA GLY A 352 7.05 -0.19 10.49
C GLY A 352 7.15 1.12 11.24
N LEU A 353 7.21 2.20 10.48
CA LEU A 353 7.30 3.55 11.04
C LEU A 353 6.11 4.38 10.59
N PHE A 354 4.91 3.81 10.73
CA PHE A 354 3.65 4.44 10.30
C PHE A 354 3.02 5.16 11.45
N GLY A 355 2.44 6.32 11.17
CA GLY A 355 1.48 6.86 12.10
C GLY A 355 1.66 8.28 12.52
N LEU A 356 0.55 8.98 12.70
CA LEU A 356 0.61 10.34 13.12
C LEU A 356 1.41 10.52 14.40
N ASP A 357 1.31 9.60 15.34
CA ASP A 357 2.01 9.79 16.63
C ASP A 357 3.51 9.64 16.57
N LYS A 358 4.00 8.82 15.63
CA LYS A 358 5.41 8.71 15.37
C LYS A 358 5.87 9.93 14.61
N LEU A 359 5.14 10.30 13.55
CA LEU A 359 5.54 11.47 12.73
C LEU A 359 5.47 12.86 13.43
N THR A 360 4.70 13.02 14.51
CA THR A 360 4.67 14.31 15.24
C THR A 360 5.67 14.33 16.44
N ASP A 361 6.30 13.16 16.68
CA ASP A 361 7.36 13.03 17.70
C ASP A 361 8.49 12.18 17.12
N ILE A 362 9.20 12.71 16.12
CA ILE A 362 10.28 11.96 15.47
C ILE A 362 11.45 11.66 16.45
N ASP A 363 11.80 12.63 17.31
CA ASP A 363 12.90 12.43 18.28
C ASP A 363 12.62 11.26 19.20
N GLY A 364 11.42 11.23 19.79
CA GLY A 364 11.04 10.15 20.69
C GLY A 364 10.98 8.78 20.03
N THR A 365 10.42 8.73 18.81
CA THR A 365 10.28 7.48 18.07
C THR A 365 11.63 6.85 17.74
N VAL A 366 12.59 7.68 17.32
CA VAL A 366 13.97 7.22 17.12
C VAL A 366 14.61 6.78 18.46
N GLU A 367 14.54 7.62 19.49
CA GLU A 367 15.17 7.33 20.80
CA GLU A 367 15.16 7.33 20.78
C GLU A 367 14.66 6.02 21.40
N ARG A 368 13.34 5.81 21.36
CA ARG A 368 12.75 4.57 21.92
C ARG A 368 13.18 3.36 21.08
N PHE A 369 13.34 3.56 19.77
CA PHE A 369 13.83 2.47 18.97
C PHE A 369 15.28 2.17 19.31
N GLU A 370 16.11 3.22 19.41
CA GLU A 370 17.53 3.09 19.83
C GLU A 370 17.76 2.35 21.14
N LYS A 371 17.12 2.78 22.22
CA LYS A 371 17.21 2.08 23.52
C LYS A 371 16.90 0.59 23.36
N ALA A 372 15.82 0.25 22.64
CA ALA A 372 15.44 -1.14 22.42
C ALA A 372 16.52 -1.91 21.63
N LEU A 373 16.95 -1.33 20.51
CA LEU A 373 18.00 -1.95 19.69
C LEU A 373 19.28 -2.19 20.50
N ASP A 374 19.65 -1.21 21.34
CA ASP A 374 20.79 -1.35 22.23
C ASP A 374 20.62 -2.54 23.23
N GLU A 375 19.47 -2.61 23.90
CA GLU A 375 19.16 -3.75 24.76
C GLU A 375 19.26 -5.09 24.00
N VAL A 376 18.70 -5.16 22.77
CA VAL A 376 18.76 -6.37 21.93
C VAL A 376 20.22 -6.79 21.61
N LEU A 377 21.01 -5.85 21.13
CA LEU A 377 22.40 -6.11 20.78
C LEU A 377 23.38 -6.29 21.99
N ALA A 378 22.95 -6.00 23.22
CA ALA A 378 23.85 -5.98 24.40
C ALA A 378 24.38 -7.35 24.88
#